data_6XCF
#
_entry.id   6XCF
#
_cell.length_a   49.339
_cell.length_b   66.245
_cell.length_c   64.057
_cell.angle_alpha   90.000
_cell.angle_beta   98.524
_cell.angle_gamma   90.000
#
_symmetry.space_group_name_H-M   'P 1 21 1'
#
loop_
_entity.id
_entity.type
_entity.pdbx_description
1 polymer 'Botulinum neurotoxin type A'
2 non-polymer (3R)-3-(2,4-dichlorophenyl)-N~1~-hydroxy-N~5~-pentylpentanediamide
3 non-polymer 'ZINC ION'
4 water water
#
_entity_poly.entity_id   1
_entity_poly.type   'polypeptide(L)'
_entity_poly.pdbx_seq_one_letter_code
;HHHHHHSSGLVPRGSHMQFVNKQFNYKDPVNGVDIAYIKIPNVGQMQPVKAFKIHNKIWVIPERDTFTNPEEGDLNPPPE
AKQVPVSYYDSTYLSTDNEKDNYLKGVTKLFERIYSTDLGRMLLTSIVRGIPFWGGSTIDTELKVIDTNCINVIQPDGSY
RSEELNLVIIGPSADIIQFECKSFGHEVLNLTRNGYGSTQYIRFSPDFTFGFEESLEVDTNPLLGAGKFATDPAVTLAHE
LIHAGHRLYGIAINPNRVFKVNTNAYYEMSGLEVSFEELRTFGGHDAKFIDSLQENEFRLYYYNKFKDIASTLNKAKSIV
GTTASLQYMKNVFKEKYLLSEDTSGKFSVDKLKFDKLYKMLTEIYTEDNFVKFFKVLNRKTYLNFDKAVFKINIVPKVNY
TIYDGFNLRNTNLAANFNGQNTEINNMNFTKLKNFTGLFE
;
_entity_poly.pdbx_strand_id   A
#
# COMPACT_ATOMS: atom_id res chain seq x y z
N MET A 17 -14.97 15.25 7.94
CA MET A 17 -14.45 14.41 9.01
C MET A 17 -13.01 13.96 8.74
N GLN A 18 -12.33 13.51 9.78
CA GLN A 18 -10.98 13.01 9.64
C GLN A 18 -10.97 11.49 9.57
N PHE A 19 -9.94 10.95 8.91
CA PHE A 19 -9.87 9.51 8.70
C PHE A 19 -9.43 8.79 9.98
N VAL A 20 -8.57 9.42 10.75
CA VAL A 20 -8.05 8.84 11.99
C VAL A 20 -8.61 9.71 13.10
N ASN A 21 -9.61 9.21 13.80
CA ASN A 21 -10.34 10.09 14.69
C ASN A 21 -9.63 10.27 16.03
N LYS A 22 -8.63 9.45 16.34
CA LYS A 22 -7.86 9.54 17.57
C LYS A 22 -6.40 9.89 17.25
N GLN A 23 -5.81 10.78 18.02
CA GLN A 23 -4.41 11.09 17.81
C GLN A 23 -3.65 10.20 18.78
N PHE A 24 -3.10 9.10 18.25
CA PHE A 24 -2.36 8.15 19.07
C PHE A 24 -0.98 8.67 19.39
N ASN A 25 -0.58 8.43 20.62
CA ASN A 25 0.83 8.47 21.04
C ASN A 25 1.33 7.04 21.21
N TYR A 26 2.60 6.81 20.86
CA TYR A 26 3.12 5.45 20.98
C TYR A 26 3.00 4.93 22.40
N LYS A 27 3.12 5.80 23.41
CA LYS A 27 3.16 5.32 24.77
C LYS A 27 1.78 5.24 25.37
N ASP A 28 0.73 5.50 24.59
CA ASP A 28 -0.62 5.36 25.12
C ASP A 28 -0.83 3.93 25.66
N PRO A 29 -1.57 3.72 26.77
CA PRO A 29 -1.67 2.36 27.33
C PRO A 29 -2.44 1.41 26.42
N VAL A 30 -2.05 0.13 26.44
CA VAL A 30 -2.81 -0.84 25.64
C VAL A 30 -4.20 -0.95 26.26
N ASN A 31 -5.16 -1.26 25.41
CA ASN A 31 -6.55 -1.42 25.79
C ASN A 31 -7.17 -2.66 25.16
N GLY A 32 -6.42 -3.40 24.32
CA GLY A 32 -6.94 -4.65 23.77
C GLY A 32 -7.94 -4.48 22.64
N VAL A 33 -8.15 -3.24 22.22
CA VAL A 33 -9.13 -2.95 21.18
C VAL A 33 -8.42 -2.26 20.03
N ASP A 34 -8.02 -0.99 20.18
CA ASP A 34 -7.36 -0.32 19.08
C ASP A 34 -5.93 0.05 19.44
N ILE A 35 -5.48 -0.24 20.67
CA ILE A 35 -4.05 -0.20 21.02
C ILE A 35 -3.75 -1.53 21.69
N ALA A 36 -2.97 -2.37 21.01
CA ALA A 36 -2.86 -3.73 21.55
C ALA A 36 -1.55 -4.35 21.14
N TYR A 37 -1.10 -5.33 21.93
CA TYR A 37 -0.07 -6.25 21.46
C TYR A 37 -0.71 -7.30 20.57
N ILE A 38 -0.11 -7.57 19.41
CA ILE A 38 -0.68 -8.49 18.44
C ILE A 38 0.41 -9.47 17.97
N LYS A 39 -0.03 -10.63 17.47
CA LYS A 39 0.85 -11.52 16.70
C LYS A 39 0.24 -11.75 15.32
N ILE A 40 1.12 -12.02 14.37
CA ILE A 40 0.72 -12.34 13.00
C ILE A 40 0.62 -13.86 12.88
N PRO A 41 -0.55 -14.41 12.56
CA PRO A 41 -0.69 -15.87 12.49
C PRO A 41 0.34 -16.48 11.54
N ASN A 42 0.82 -17.67 11.89
CA ASN A 42 1.83 -18.43 11.17
C ASN A 42 3.23 -17.86 11.32
N VAL A 43 3.43 -16.88 12.19
CA VAL A 43 4.78 -16.50 12.56
C VAL A 43 5.16 -17.10 13.92
N GLY A 44 4.20 -17.08 14.86
CA GLY A 44 4.27 -17.93 16.06
C GLY A 44 5.51 -17.73 16.92
N GLN A 45 6.69 -17.96 16.32
CA GLN A 45 7.96 -17.46 16.85
C GLN A 45 7.81 -16.10 17.53
N MET A 46 7.19 -15.12 16.86
CA MET A 46 7.39 -13.72 17.22
C MET A 46 6.91 -13.39 18.63
N GLN A 47 7.62 -12.49 19.26
CA GLN A 47 7.08 -11.85 20.44
C GLN A 47 6.02 -10.86 20.01
N PRO A 48 4.96 -10.69 20.78
CA PRO A 48 3.92 -9.72 20.44
C PRO A 48 4.51 -8.34 20.17
N VAL A 49 3.93 -7.61 19.21
CA VAL A 49 4.37 -6.25 18.95
C VAL A 49 3.21 -5.29 19.20
N LYS A 50 3.54 -4.08 19.71
CA LYS A 50 2.48 -3.08 19.92
C LYS A 50 2.00 -2.50 18.59
N ALA A 51 0.67 -2.45 18.43
CA ALA A 51 0.01 -2.09 17.18
C ALA A 51 -1.17 -1.19 17.51
N PHE A 52 -1.57 -0.39 16.51
CA PHE A 52 -2.54 0.70 16.65
C PHE A 52 -3.51 0.59 15.49
N LYS A 53 -4.80 0.46 15.80
CA LYS A 53 -5.84 0.45 14.80
C LYS A 53 -6.27 1.88 14.55
N ILE A 54 -5.92 2.40 13.37
CA ILE A 54 -6.15 3.84 13.13
C ILE A 54 -7.46 4.07 12.42
N HIS A 55 -8.06 3.02 11.87
CA HIS A 55 -9.33 3.12 11.17
C HIS A 55 -9.90 1.72 11.08
N ASN A 56 -11.22 1.60 10.86
CA ASN A 56 -11.77 0.26 10.64
C ASN A 56 -10.94 -0.46 9.58
N LYS A 57 -10.54 -1.72 9.84
CA LYS A 57 -9.81 -2.62 8.94
C LYS A 57 -8.31 -2.23 8.73
N ILE A 58 -7.78 -1.19 9.39
CA ILE A 58 -6.42 -0.68 9.07
C ILE A 58 -5.62 -0.51 10.36
N TRP A 59 -4.45 -1.16 10.40
CA TRP A 59 -3.58 -1.12 11.59
C TRP A 59 -2.21 -0.60 11.19
N VAL A 60 -1.51 -0.01 12.16
CA VAL A 60 -0.13 0.44 12.01
C VAL A 60 0.71 -0.28 13.06
N ILE A 61 1.81 -0.84 12.62
CA ILE A 61 2.80 -1.47 13.49
C ILE A 61 4.10 -0.70 13.34
N PRO A 62 4.46 0.12 14.33
CA PRO A 62 5.73 0.91 14.22
C PRO A 62 6.95 0.09 14.56
N GLU A 63 7.17 -0.96 13.81
CA GLU A 63 8.30 -1.85 13.99
C GLU A 63 8.92 -2.08 12.62
N ARG A 64 10.22 -2.31 12.60
CA ARG A 64 10.85 -2.81 11.38
C ARG A 64 10.28 -4.19 11.07
N ASP A 65 10.02 -4.48 9.79
CA ASP A 65 9.39 -5.75 9.43
C ASP A 65 10.41 -6.89 9.39
N THR A 66 10.59 -7.52 10.56
CA THR A 66 11.34 -8.76 10.64
C THR A 66 10.42 -9.98 10.68
N PHE A 67 9.14 -9.82 10.34
CA PHE A 67 8.11 -10.83 10.57
C PHE A 67 7.53 -11.46 9.30
N THR A 68 7.20 -10.69 8.27
CA THR A 68 6.46 -11.27 7.14
C THR A 68 7.29 -12.22 6.27
N ASN A 69 8.61 -12.14 6.31
CA ASN A 69 9.44 -13.06 5.53
C ASN A 69 10.51 -13.62 6.47
N PRO A 70 10.45 -14.93 6.79
CA PRO A 70 11.41 -15.49 7.75
C PRO A 70 12.86 -15.43 7.28
N GLU A 71 13.09 -15.27 5.98
CA GLU A 71 14.45 -15.10 5.52
C GLU A 71 14.93 -13.65 5.62
N GLU A 72 14.08 -12.74 6.14
CA GLU A 72 14.44 -11.32 6.28
C GLU A 72 14.27 -10.87 7.74
N GLY A 73 15.04 -11.49 8.65
CA GLY A 73 14.96 -11.21 10.06
C GLY A 73 16.08 -10.36 10.63
N ASP A 74 17.04 -9.94 9.80
CA ASP A 74 18.30 -9.33 10.23
C ASP A 74 18.38 -7.92 9.62
N LEU A 75 18.36 -6.89 10.46
CA LEU A 75 18.47 -5.53 9.93
C LEU A 75 19.92 -5.06 9.73
N ASN A 76 20.91 -5.83 10.17
CA ASN A 76 22.27 -5.32 10.10
C ASN A 76 22.74 -5.34 8.65
N PRO A 77 23.53 -4.35 8.24
CA PRO A 77 23.89 -4.24 6.83
C PRO A 77 24.92 -5.28 6.45
N PRO A 78 24.84 -5.83 5.24
CA PRO A 78 25.96 -6.65 4.70
C PRO A 78 27.23 -5.83 4.61
N PRO A 79 28.40 -6.47 4.48
CA PRO A 79 29.65 -5.68 4.40
C PRO A 79 29.78 -4.85 3.12
N PRO A 85 24.60 -1.67 -4.63
CA PRO A 85 23.27 -1.34 -5.19
C PRO A 85 22.74 0.06 -4.81
N VAL A 86 21.56 0.33 -5.36
CA VAL A 86 20.70 1.40 -4.88
C VAL A 86 19.95 0.81 -3.68
N SER A 87 20.49 1.04 -2.48
CA SER A 87 19.90 0.52 -1.26
C SER A 87 20.27 1.46 -0.12
N TYR A 88 19.59 1.30 1.02
CA TYR A 88 19.98 2.08 2.18
C TYR A 88 19.73 1.25 3.43
N TYR A 89 20.78 1.08 4.22
CA TYR A 89 20.67 0.36 5.49
C TYR A 89 20.93 1.25 6.70
N ASP A 90 20.15 1.02 7.75
CA ASP A 90 20.36 1.65 9.06
C ASP A 90 19.66 0.77 10.10
N SER A 91 20.43 -0.15 10.69
CA SER A 91 19.87 -1.18 11.58
C SER A 91 19.28 -0.57 12.82
N THR A 92 19.64 0.67 13.11
CA THR A 92 19.11 1.34 14.30
C THR A 92 17.80 2.08 14.04
N TYR A 93 17.40 2.26 12.76
CA TYR A 93 16.21 3.05 12.52
C TYR A 93 14.97 2.36 13.09
N LEU A 94 14.15 3.15 13.77
CA LEU A 94 12.85 2.71 14.32
C LEU A 94 13.07 1.68 15.43
N SER A 95 14.11 1.93 16.26
CA SER A 95 14.38 1.07 17.41
C SER A 95 13.98 1.70 18.76
N THR A 96 13.68 2.99 18.82
CA THR A 96 13.39 3.69 20.08
C THR A 96 11.93 4.13 20.11
N ASP A 97 11.42 4.38 21.34
CA ASP A 97 10.02 4.84 21.49
C ASP A 97 9.80 6.18 20.80
N ASN A 98 10.78 7.10 20.87
CA ASN A 98 10.53 8.39 20.24
C ASN A 98 10.40 8.21 18.74
N GLU A 99 11.22 7.33 18.16
CA GLU A 99 11.06 7.06 16.72
C GLU A 99 9.71 6.44 16.40
N LYS A 100 9.25 5.48 17.22
CA LYS A 100 7.95 4.85 16.93
C LYS A 100 6.81 5.84 17.11
N ASP A 101 6.92 6.73 18.09
CA ASP A 101 5.94 7.81 18.20
C ASP A 101 5.90 8.68 16.94
N ASN A 102 7.06 9.11 16.46
CA ASN A 102 7.08 9.91 15.23
C ASN A 102 6.65 9.11 14.02
N TYR A 103 6.98 7.81 13.97
CA TYR A 103 6.50 6.95 12.87
C TYR A 103 4.98 6.92 12.83
N LEU A 104 4.36 6.63 13.98
CA LEU A 104 2.92 6.54 14.09
C LEU A 104 2.25 7.84 13.65
N LYS A 105 2.73 8.97 14.19
CA LYS A 105 2.16 10.27 13.89
C LYS A 105 2.40 10.69 12.44
N GLY A 106 3.57 10.36 11.89
CA GLY A 106 3.83 10.58 10.45
C GLY A 106 2.87 9.80 9.56
N VAL A 107 2.72 8.52 9.83
CA VAL A 107 1.79 7.70 9.04
C VAL A 107 0.36 8.21 9.16
N THR A 108 -0.08 8.59 10.36
CA THR A 108 -1.45 9.07 10.47
C THR A 108 -1.63 10.37 9.68
N LYS A 109 -0.64 11.26 9.75
CA LYS A 109 -0.69 12.52 9.00
C LYS A 109 -0.81 12.26 7.48
N LEU A 110 -0.07 11.26 6.96
CA LEU A 110 -0.14 10.98 5.52
C LEU A 110 -1.53 10.43 5.15
N PHE A 111 -2.11 9.56 6.01
CA PHE A 111 -3.48 9.10 5.73
C PHE A 111 -4.46 10.27 5.68
N GLU A 112 -4.30 11.26 6.58
CA GLU A 112 -5.17 12.43 6.53
C GLU A 112 -4.94 13.26 5.29
N ARG A 113 -3.69 13.42 4.86
CA ARG A 113 -3.42 14.12 3.61
C ARG A 113 -4.04 13.41 2.43
N ILE A 114 -3.95 12.09 2.40
CA ILE A 114 -4.60 11.34 1.33
C ILE A 114 -6.12 11.48 1.40
N TYR A 115 -6.68 11.36 2.61
CA TYR A 115 -8.12 11.41 2.77
C TYR A 115 -8.71 12.80 2.49
N SER A 116 -7.92 13.86 2.61
CA SER A 116 -8.35 15.22 2.33
C SER A 116 -8.57 15.51 0.83
N THR A 117 -8.26 14.56 -0.03
CA THR A 117 -8.54 14.67 -1.45
C THR A 117 -9.71 13.75 -1.80
N ASP A 118 -10.51 14.13 -2.82
CA ASP A 118 -11.59 13.23 -3.23
C ASP A 118 -11.01 11.90 -3.70
N LEU A 119 -9.90 11.96 -4.45
CA LEU A 119 -9.33 10.71 -4.94
C LEU A 119 -8.93 9.78 -3.78
N GLY A 120 -8.24 10.30 -2.77
CA GLY A 120 -7.82 9.46 -1.66
C GLY A 120 -8.98 8.96 -0.82
N ARG A 121 -10.00 9.80 -0.68
CA ARG A 121 -11.24 9.36 -0.03
C ARG A 121 -11.85 8.17 -0.78
N MET A 122 -11.91 8.24 -2.13
CA MET A 122 -12.38 7.11 -2.94
C MET A 122 -11.49 5.88 -2.72
N LEU A 123 -10.15 6.05 -2.88
CA LEU A 123 -9.26 4.89 -2.72
C LEU A 123 -9.41 4.26 -1.32
N LEU A 124 -9.41 5.09 -0.28
CA LEU A 124 -9.46 4.53 1.07
C LEU A 124 -10.81 3.84 1.35
N THR A 125 -11.90 4.39 0.79
CA THR A 125 -13.21 3.71 0.90
C THR A 125 -13.16 2.34 0.22
N SER A 126 -12.57 2.29 -1.00
CA SER A 126 -12.45 1.01 -1.70
C SER A 126 -11.63 0.01 -0.86
N ILE A 127 -10.57 0.50 -0.22
CA ILE A 127 -9.70 -0.38 0.56
C ILE A 127 -10.44 -0.93 1.77
N VAL A 128 -11.17 -0.06 2.47
CA VAL A 128 -11.94 -0.55 3.64
C VAL A 128 -13.04 -1.54 3.21
N ARG A 129 -13.65 -1.32 2.03
CA ARG A 129 -14.68 -2.25 1.53
C ARG A 129 -14.10 -3.55 1.02
N GLY A 130 -12.77 -3.63 0.80
CA GLY A 130 -12.18 -4.73 0.02
C GLY A 130 -11.81 -5.90 0.90
N ILE A 131 -12.73 -6.30 1.77
CA ILE A 131 -12.50 -7.42 2.69
C ILE A 131 -12.00 -8.66 1.92
N PRO A 132 -10.86 -9.25 2.30
CA PRO A 132 -10.42 -10.52 1.68
C PRO A 132 -11.47 -11.60 1.74
N PHE A 133 -11.68 -12.27 0.61
CA PHE A 133 -12.75 -13.25 0.46
C PHE A 133 -12.62 -14.39 1.47
N TRP A 134 -13.77 -14.89 1.94
CA TRP A 134 -13.83 -16.07 2.82
C TRP A 134 -13.72 -17.33 1.94
N GLY A 135 -12.51 -17.62 1.51
CA GLY A 135 -12.32 -18.80 0.67
C GLY A 135 -11.46 -19.88 1.29
N GLY A 136 -11.49 -20.00 2.62
CA GLY A 136 -10.63 -20.97 3.26
C GLY A 136 -11.21 -22.33 3.50
N SER A 137 -12.43 -22.60 3.01
CA SER A 137 -13.05 -23.90 3.23
C SER A 137 -12.60 -24.86 2.15
N THR A 138 -12.46 -26.12 2.51
CA THR A 138 -12.25 -27.15 1.49
C THR A 138 -13.55 -27.70 0.96
N ILE A 139 -14.68 -27.32 1.56
CA ILE A 139 -16.00 -27.76 1.14
C ILE A 139 -16.76 -26.56 0.58
N ASP A 140 -17.20 -26.67 -0.68
CA ASP A 140 -17.95 -25.57 -1.28
C ASP A 140 -19.35 -25.42 -0.68
N THR A 141 -19.76 -26.29 0.23
CA THR A 141 -21.00 -26.00 0.93
C THR A 141 -20.83 -24.90 1.98
N GLU A 142 -19.61 -24.47 2.31
CA GLU A 142 -19.52 -23.44 3.34
C GLU A 142 -18.40 -22.44 3.06
N LEU A 143 -18.61 -21.24 3.62
CA LEU A 143 -17.64 -20.17 3.62
C LEU A 143 -16.83 -20.23 4.90
N LYS A 144 -15.56 -19.90 4.79
CA LYS A 144 -14.66 -19.91 5.94
C LYS A 144 -13.56 -18.90 5.72
N VAL A 145 -13.28 -18.10 6.76
CA VAL A 145 -12.20 -17.14 6.71
C VAL A 145 -10.87 -17.85 6.45
N ILE A 146 -9.94 -17.13 5.86
CA ILE A 146 -8.58 -17.61 5.73
C ILE A 146 -7.76 -17.00 6.87
N ASP A 147 -7.11 -17.88 7.65
CA ASP A 147 -6.43 -17.49 8.89
C ASP A 147 -5.46 -16.32 8.71
N THR A 148 -4.72 -16.31 7.61
CA THR A 148 -3.68 -15.33 7.36
C THR A 148 -4.23 -13.98 6.93
N ASN A 149 -5.56 -13.83 6.82
CA ASN A 149 -6.14 -12.50 6.64
C ASN A 149 -6.62 -11.93 7.98
N CYS A 150 -6.06 -12.42 9.08
CA CYS A 150 -6.38 -11.97 10.43
C CYS A 150 -5.09 -11.60 11.14
N ILE A 151 -5.24 -10.89 12.27
CA ILE A 151 -4.17 -10.77 13.25
C ILE A 151 -4.72 -11.28 14.57
N ASN A 152 -3.82 -11.72 15.42
CA ASN A 152 -4.24 -12.22 16.74
C ASN A 152 -4.03 -11.12 17.76
N VAL A 153 -5.12 -10.63 18.35
CA VAL A 153 -5.05 -9.45 19.22
C VAL A 153 -5.07 -9.91 20.67
N ILE A 154 -4.05 -9.54 21.45
CA ILE A 154 -4.05 -9.89 22.86
C ILE A 154 -5.09 -9.02 23.59
N GLN A 155 -6.05 -9.66 24.25
CA GLN A 155 -7.15 -8.97 24.94
C GLN A 155 -6.72 -8.57 26.33
N PRO A 156 -7.52 -7.75 27.04
CA PRO A 156 -7.09 -7.34 28.39
C PRO A 156 -6.94 -8.50 29.35
N ASP A 157 -7.56 -9.63 29.08
CA ASP A 157 -7.46 -10.81 29.93
C ASP A 157 -6.36 -11.78 29.47
N GLY A 158 -5.45 -11.34 28.61
CA GLY A 158 -4.32 -12.12 28.15
C GLY A 158 -4.64 -13.10 27.04
N SER A 159 -5.91 -13.30 26.72
CA SER A 159 -6.33 -14.20 25.65
C SER A 159 -6.20 -13.52 24.29
N TYR A 160 -6.18 -14.34 23.25
CA TYR A 160 -6.07 -13.89 21.86
C TYR A 160 -7.45 -13.91 21.23
N ARG A 161 -7.77 -12.87 20.47
CA ARG A 161 -8.94 -12.95 19.62
C ARG A 161 -8.51 -12.65 18.20
N SER A 162 -9.05 -13.42 17.26
CA SER A 162 -8.67 -13.29 15.86
C SER A 162 -9.51 -12.19 15.26
N GLU A 163 -8.85 -11.20 14.67
CA GLU A 163 -9.55 -10.08 14.04
C GLU A 163 -9.17 -10.01 12.58
N GLU A 164 -10.19 -10.05 11.70
CA GLU A 164 -9.94 -9.80 10.28
C GLU A 164 -9.52 -8.35 10.08
N LEU A 165 -8.63 -8.12 9.11
CA LEU A 165 -8.23 -6.76 8.78
C LEU A 165 -7.78 -6.73 7.32
N ASN A 166 -7.72 -5.52 6.74
CA ASN A 166 -7.40 -5.41 5.31
C ASN A 166 -5.99 -4.92 5.08
N LEU A 167 -5.47 -4.08 5.98
CA LEU A 167 -4.21 -3.34 5.73
C LEU A 167 -3.43 -3.17 7.03
N VAL A 168 -2.11 -3.39 6.94
CA VAL A 168 -1.16 -3.12 8.02
C VAL A 168 -0.07 -2.25 7.39
N ILE A 169 0.22 -1.11 8.01
CA ILE A 169 1.42 -0.33 7.68
C ILE A 169 2.50 -0.72 8.67
N ILE A 170 3.67 -1.15 8.13
CA ILE A 170 4.76 -1.63 8.97
C ILE A 170 6.06 -1.02 8.47
N GLY A 171 7.04 -0.92 9.37
CA GLY A 171 8.30 -0.34 8.95
C GLY A 171 9.01 -1.24 7.96
N PRO A 172 9.98 -0.68 7.23
CA PRO A 172 10.76 -1.49 6.30
C PRO A 172 11.56 -2.57 7.00
N SER A 173 12.00 -3.54 6.20
CA SER A 173 12.92 -4.54 6.67
C SER A 173 14.35 -3.96 6.58
N ALA A 174 15.36 -4.79 6.27
CA ALA A 174 16.78 -4.37 6.32
C ALA A 174 17.05 -3.21 5.35
N ASP A 175 16.55 -3.31 4.12
CA ASP A 175 16.78 -2.27 3.14
C ASP A 175 15.65 -1.27 3.25
N ILE A 176 16.00 -0.09 3.78
CA ILE A 176 15.01 0.89 4.14
C ILE A 176 14.26 1.40 2.92
N ILE A 177 14.92 1.46 1.75
CA ILE A 177 14.27 2.04 0.57
C ILE A 177 13.33 1.07 -0.13
N GLN A 178 13.30 -0.21 0.27
CA GLN A 178 12.45 -1.17 -0.45
C GLN A 178 11.04 -1.17 0.15
N PHE A 179 10.32 -0.09 -0.12
CA PHE A 179 8.90 -0.05 0.27
C PHE A 179 8.17 -1.04 -0.63
N GLU A 180 7.16 -1.73 -0.10
CA GLU A 180 6.45 -2.65 -0.98
C GLU A 180 5.18 -3.10 -0.27
N CYS A 181 4.22 -3.53 -1.07
CA CYS A 181 2.96 -4.07 -0.59
C CYS A 181 3.03 -5.58 -0.75
N LYS A 182 3.05 -6.28 0.36
CA LYS A 182 3.19 -7.74 0.34
C LYS A 182 2.12 -8.42 1.19
N SER A 183 2.05 -9.76 1.13
CA SER A 183 0.94 -10.43 1.81
C SER A 183 1.27 -11.89 1.93
N PHE A 184 0.58 -12.54 2.85
CA PHE A 184 0.88 -13.93 3.14
C PHE A 184 0.25 -14.79 2.08
N GLY A 185 1.06 -15.65 1.49
CA GLY A 185 0.62 -16.48 0.42
C GLY A 185 -0.29 -17.59 0.90
N HIS A 186 -0.64 -18.42 -0.04
CA HIS A 186 -1.44 -19.57 0.27
C HIS A 186 -0.92 -20.73 -0.56
N GLU A 187 -0.97 -21.91 0.06
CA GLU A 187 -0.64 -23.19 -0.57
C GLU A 187 -1.12 -23.29 -2.00
N VAL A 188 -2.44 -23.08 -2.20
CA VAL A 188 -3.14 -23.41 -3.44
C VAL A 188 -3.60 -22.17 -4.19
N LEU A 189 -3.99 -21.13 -3.46
CA LEU A 189 -4.71 -19.99 -3.99
C LEU A 189 -3.75 -18.83 -4.20
N ASN A 190 -3.85 -18.18 -5.36
CA ASN A 190 -3.08 -16.98 -5.66
C ASN A 190 -3.98 -15.81 -5.28
N LEU A 191 -4.03 -15.53 -3.96
CA LEU A 191 -5.05 -14.65 -3.39
C LEU A 191 -5.02 -13.25 -3.99
N THR A 192 -3.85 -12.75 -4.38
CA THR A 192 -3.78 -11.40 -4.93
C THR A 192 -4.14 -11.36 -6.42
N ARG A 193 -4.37 -12.50 -7.03
CA ARG A 193 -4.64 -12.55 -8.48
C ARG A 193 -5.82 -13.43 -8.86
N ASN A 194 -6.56 -13.97 -7.88
CA ASN A 194 -7.69 -14.84 -8.19
C ASN A 194 -9.02 -14.20 -7.76
N GLY A 195 -9.04 -12.87 -7.62
CA GLY A 195 -10.20 -12.16 -7.16
C GLY A 195 -10.41 -12.17 -5.65
N TYR A 196 -9.71 -13.03 -4.88
CA TYR A 196 -10.09 -13.15 -3.44
C TYR A 196 -9.61 -11.94 -2.64
N GLY A 197 -8.36 -11.55 -2.84
CA GLY A 197 -7.69 -10.59 -1.97
C GLY A 197 -7.12 -11.25 -0.73
N SER A 198 -6.25 -10.52 -0.07
CA SER A 198 -5.66 -10.93 1.19
C SER A 198 -5.23 -9.67 1.95
N THR A 199 -5.01 -9.83 3.24
CA THR A 199 -4.54 -8.72 4.06
C THR A 199 -3.20 -8.24 3.53
N GLN A 200 -3.07 -6.92 3.34
CA GLN A 200 -1.87 -6.35 2.76
C GLN A 200 -1.00 -5.68 3.84
N TYR A 201 0.31 -5.95 3.75
CA TYR A 201 1.31 -5.42 4.68
C TYR A 201 2.16 -4.47 3.87
N ILE A 202 2.10 -3.18 4.15
CA ILE A 202 2.89 -2.24 3.38
C ILE A 202 4.13 -1.88 4.20
N ARG A 203 5.29 -2.28 3.69
CA ARG A 203 6.56 -1.80 4.22
C ARG A 203 6.73 -0.34 3.80
N PHE A 204 6.82 0.57 4.76
CA PHE A 204 6.78 2.00 4.41
C PHE A 204 7.41 2.78 5.56
N SER A 205 8.04 3.92 5.22
CA SER A 205 8.46 4.87 6.24
C SER A 205 8.12 6.29 5.85
N PRO A 206 7.59 7.08 6.79
CA PRO A 206 7.37 8.53 6.59
C PRO A 206 8.60 9.37 6.88
N ASP A 207 9.73 8.74 7.29
CA ASP A 207 10.89 9.39 7.87
C ASP A 207 12.02 9.58 6.86
N PHE A 208 11.80 9.08 5.63
CA PHE A 208 12.75 9.22 4.50
C PHE A 208 11.94 9.51 3.23
N THR A 209 12.63 10.12 2.25
CA THR A 209 12.01 10.24 0.91
C THR A 209 13.12 10.33 -0.12
N PHE A 210 12.76 10.12 -1.40
CA PHE A 210 13.72 10.10 -2.50
C PHE A 210 13.85 11.52 -3.03
N GLY A 211 15.00 11.81 -3.61
CA GLY A 211 15.17 13.00 -4.41
C GLY A 211 15.14 12.63 -5.88
N PHE A 212 14.56 13.52 -6.68
CA PHE A 212 14.38 13.35 -8.12
C PHE A 212 14.67 14.66 -8.83
N GLU A 213 14.69 14.62 -10.16
CA GLU A 213 15.09 15.79 -10.92
C GLU A 213 13.93 16.35 -11.74
N GLU A 214 13.85 17.69 -11.77
CA GLU A 214 12.77 18.42 -12.41
C GLU A 214 12.80 18.34 -13.96
N SER A 215 13.97 18.11 -14.58
CA SER A 215 14.05 17.94 -16.03
C SER A 215 13.94 16.45 -16.38
N LEU A 216 13.03 16.11 -17.30
CA LEU A 216 12.78 14.71 -17.61
C LEU A 216 14.04 14.04 -18.17
N GLU A 217 14.77 14.73 -19.03
CA GLU A 217 16.00 14.17 -19.60
C GLU A 217 17.03 13.92 -18.52
N VAL A 218 17.02 14.71 -17.44
CA VAL A 218 17.94 14.46 -16.31
C VAL A 218 17.43 13.33 -15.42
N ASP A 219 16.13 13.35 -15.09
CA ASP A 219 15.64 12.36 -14.15
C ASP A 219 15.75 10.95 -14.71
N THR A 220 15.63 10.79 -16.04
CA THR A 220 15.64 9.47 -16.65
C THR A 220 17.05 9.05 -17.08
N ASN A 221 18.07 9.81 -16.68
CA ASN A 221 19.45 9.51 -17.01
C ASN A 221 20.17 9.05 -15.74
N PRO A 222 20.81 7.89 -15.73
CA PRO A 222 21.39 7.41 -14.47
C PRO A 222 22.65 8.15 -14.05
N LEU A 223 23.23 9.02 -14.90
CA LEU A 223 24.51 9.67 -14.61
C LEU A 223 24.36 11.13 -14.18
N LEU A 224 23.14 11.67 -14.16
CA LEU A 224 22.90 13.11 -14.00
C LEU A 224 21.95 13.44 -12.84
N GLY A 225 22.30 14.52 -12.14
CA GLY A 225 21.39 15.06 -11.14
C GLY A 225 21.73 14.58 -9.76
N ALA A 226 21.54 15.43 -8.77
CA ALA A 226 21.80 15.03 -7.38
C ALA A 226 20.54 14.81 -6.58
N GLY A 227 19.36 15.04 -7.18
CA GLY A 227 18.09 14.92 -6.44
C GLY A 227 17.65 16.23 -5.81
N LYS A 228 17.42 17.26 -6.64
CA LYS A 228 17.10 18.59 -6.12
C LYS A 228 15.75 18.65 -5.43
N PHE A 229 14.74 17.94 -5.94
CA PHE A 229 13.41 18.00 -5.33
C PHE A 229 13.09 16.71 -4.59
N ALA A 230 12.34 16.84 -3.50
CA ALA A 230 11.99 15.67 -2.72
C ALA A 230 10.57 15.21 -3.05
N THR A 231 10.44 13.90 -3.20
CA THR A 231 9.13 13.29 -3.41
C THR A 231 8.30 13.52 -2.17
N ASP A 232 7.06 13.97 -2.36
CA ASP A 232 6.15 14.10 -1.20
C ASP A 232 5.78 12.69 -0.72
N PRO A 233 6.04 12.34 0.55
CA PRO A 233 5.79 10.94 0.96
C PRO A 233 4.30 10.58 0.93
N ALA A 234 3.41 11.56 0.87
CA ALA A 234 1.99 11.22 0.68
C ALA A 234 1.74 10.54 -0.68
N VAL A 235 2.49 10.93 -1.72
CA VAL A 235 2.41 10.25 -3.01
C VAL A 235 2.91 8.84 -2.88
N THR A 236 4.09 8.67 -2.21
CA THR A 236 4.67 7.34 -2.01
C THR A 236 3.69 6.41 -1.29
N LEU A 237 3.09 6.91 -0.21
CA LEU A 237 2.12 6.06 0.49
C LEU A 237 0.90 5.77 -0.39
N ALA A 238 0.37 6.78 -1.08
CA ALA A 238 -0.72 6.55 -2.04
C ALA A 238 -0.36 5.50 -3.09
N HIS A 239 0.89 5.53 -3.61
CA HIS A 239 1.33 4.51 -4.57
C HIS A 239 1.20 3.12 -3.98
N GLU A 240 1.65 2.94 -2.74
CA GLU A 240 1.57 1.61 -2.11
C GLU A 240 0.12 1.24 -1.85
N LEU A 241 -0.70 2.21 -1.45
CA LEU A 241 -2.12 1.91 -1.23
C LEU A 241 -2.82 1.53 -2.55
N ILE A 242 -2.36 2.06 -3.69
CA ILE A 242 -2.94 1.64 -4.98
C ILE A 242 -2.64 0.17 -5.21
N HIS A 243 -1.39 -0.26 -4.97
CA HIS A 243 -1.09 -1.68 -5.02
C HIS A 243 -2.00 -2.44 -4.06
N ALA A 244 -2.18 -1.90 -2.85
CA ALA A 244 -2.97 -2.63 -1.87
C ALA A 244 -4.39 -2.81 -2.37
N GLY A 245 -4.94 -1.79 -3.01
CA GLY A 245 -6.27 -1.91 -3.62
C GLY A 245 -6.33 -3.01 -4.67
N HIS A 246 -5.36 -3.02 -5.60
CA HIS A 246 -5.35 -4.13 -6.54
C HIS A 246 -5.31 -5.48 -5.83
N ARG A 247 -4.46 -5.60 -4.83
CA ARG A 247 -4.24 -6.91 -4.20
C ARG A 247 -5.45 -7.31 -3.34
N LEU A 248 -6.10 -6.36 -2.70
CA LEU A 248 -7.30 -6.66 -1.90
C LEU A 248 -8.46 -7.12 -2.74
N TYR A 249 -8.54 -6.65 -3.99
CA TYR A 249 -9.58 -7.09 -4.92
C TYR A 249 -9.10 -8.25 -5.78
N GLY A 250 -7.87 -8.74 -5.54
CA GLY A 250 -7.44 -9.96 -6.20
C GLY A 250 -7.18 -9.78 -7.68
N ILE A 251 -6.87 -8.56 -8.10
CA ILE A 251 -6.61 -8.24 -9.50
C ILE A 251 -5.19 -7.71 -9.73
N ALA A 252 -4.22 -8.00 -8.84
CA ALA A 252 -2.84 -7.63 -9.17
C ALA A 252 -2.31 -8.41 -10.37
N ILE A 253 -1.42 -7.76 -11.17
CA ILE A 253 -0.82 -8.47 -12.30
C ILE A 253 0.42 -9.21 -11.81
N ASN A 254 0.49 -10.51 -12.09
CA ASN A 254 1.65 -11.33 -11.76
C ASN A 254 2.96 -10.58 -12.00
N PRO A 255 3.82 -10.42 -10.98
CA PRO A 255 5.04 -9.63 -11.18
C PRO A 255 5.96 -10.19 -12.26
N ASN A 256 5.76 -11.44 -12.67
CA ASN A 256 6.54 -12.02 -13.73
C ASN A 256 6.20 -11.41 -15.08
N ARG A 257 5.05 -10.74 -15.18
CA ARG A 257 4.63 -10.08 -16.42
C ARG A 257 5.25 -8.68 -16.40
N VAL A 258 6.23 -8.47 -17.29
CA VAL A 258 7.14 -7.33 -17.26
C VAL A 258 7.23 -6.66 -18.62
N PHE A 259 7.41 -5.33 -18.59
CA PHE A 259 7.83 -4.54 -19.74
C PHE A 259 9.35 -4.59 -19.81
N LYS A 260 9.87 -5.27 -20.83
CA LYS A 260 11.32 -5.32 -21.05
C LYS A 260 11.70 -3.99 -21.69
N VAL A 261 12.05 -3.03 -20.82
CA VAL A 261 12.00 -1.61 -21.18
C VAL A 261 12.86 -1.37 -22.39
N ASN A 262 12.24 -0.87 -23.46
CA ASN A 262 13.00 -0.55 -24.67
C ASN A 262 12.80 0.91 -25.12
N THR A 263 12.42 1.79 -24.19
CA THR A 263 12.18 3.22 -24.41
C THR A 263 13.22 4.08 -23.71
N ASN A 264 14.19 3.45 -23.07
CA ASN A 264 15.22 4.17 -22.32
C ASN A 264 16.51 3.39 -22.52
N ALA A 265 17.49 4.01 -23.23
CA ALA A 265 18.70 3.30 -23.59
C ALA A 265 19.46 2.78 -22.37
N TYR A 266 19.35 3.46 -21.21
CA TYR A 266 20.05 3.01 -20.01
C TYR A 266 19.33 1.83 -19.38
N TYR A 267 18.00 1.85 -19.40
CA TYR A 267 17.28 0.64 -19.00
C TYR A 267 17.69 -0.53 -19.88
N GLU A 268 17.78 -0.31 -21.19
CA GLU A 268 18.09 -1.42 -22.07
C GLU A 268 19.51 -1.94 -21.83
N MET A 269 20.47 -1.03 -21.62
CA MET A 269 21.85 -1.44 -21.39
C MET A 269 21.97 -2.40 -20.21
N SER A 270 21.18 -2.17 -19.16
CA SER A 270 21.22 -3.04 -17.99
C SER A 270 20.09 -4.08 -17.98
N GLY A 271 19.32 -4.18 -19.06
CA GLY A 271 18.26 -5.16 -19.11
C GLY A 271 17.24 -5.01 -18.00
N LEU A 272 16.96 -3.79 -17.56
CA LEU A 272 15.98 -3.61 -16.50
C LEU A 272 14.57 -3.94 -17.01
N GLU A 273 13.85 -4.74 -16.23
CA GLU A 273 12.49 -5.17 -16.58
C GLU A 273 11.57 -4.63 -15.50
N VAL A 274 10.45 -3.99 -15.89
CA VAL A 274 9.57 -3.33 -14.94
C VAL A 274 8.21 -4.01 -15.06
N SER A 275 7.66 -4.43 -13.91
CA SER A 275 6.42 -5.20 -13.98
C SER A 275 5.30 -4.31 -14.47
N PHE A 276 4.36 -4.94 -15.18
CA PHE A 276 3.15 -4.23 -15.60
C PHE A 276 2.39 -3.69 -14.39
N GLU A 277 2.49 -4.39 -13.25
CA GLU A 277 1.80 -3.91 -12.05
C GLU A 277 2.29 -2.52 -11.63
N GLU A 278 3.63 -2.26 -11.73
CA GLU A 278 4.12 -0.92 -11.44
C GLU A 278 3.68 0.12 -12.48
N LEU A 279 3.71 -0.22 -13.77
CA LEU A 279 3.29 0.74 -14.80
C LEU A 279 1.83 1.08 -14.63
N ARG A 280 1.00 0.07 -14.33
CA ARG A 280 -0.44 0.33 -14.07
C ARG A 280 -0.61 1.31 -12.91
N THR A 281 0.14 1.06 -11.83
CA THR A 281 0.00 1.85 -10.61
C THR A 281 0.47 3.27 -10.81
N PHE A 282 1.57 3.47 -11.60
CA PHE A 282 1.98 4.84 -11.86
C PHE A 282 0.93 5.57 -12.69
N GLY A 283 0.43 4.93 -13.73
CA GLY A 283 -0.58 5.50 -14.59
C GLY A 283 0.02 6.42 -15.62
N GLY A 284 -0.74 7.46 -16.01
CA GLY A 284 -0.29 8.37 -17.09
C GLY A 284 0.26 7.65 -18.29
N HIS A 285 1.34 8.22 -18.86
CA HIS A 285 1.93 7.65 -20.08
C HIS A 285 2.48 6.24 -19.85
N ASP A 286 2.91 5.94 -18.60
CA ASP A 286 3.48 4.62 -18.30
C ASP A 286 2.51 3.47 -18.60
N ALA A 287 1.23 3.65 -18.23
CA ALA A 287 0.30 2.55 -18.40
C ALA A 287 0.10 2.20 -19.88
N LYS A 288 0.45 3.10 -20.79
CA LYS A 288 0.35 2.80 -22.20
C LYS A 288 1.38 1.78 -22.67
N PHE A 289 2.42 1.51 -21.87
CA PHE A 289 3.36 0.45 -22.23
C PHE A 289 2.79 -0.95 -22.03
N ILE A 290 1.63 -1.10 -21.40
CA ILE A 290 0.90 -2.37 -21.39
C ILE A 290 0.04 -2.39 -22.67
N ASP A 291 0.34 -3.30 -23.63
CA ASP A 291 -0.39 -3.25 -24.91
C ASP A 291 -1.85 -3.62 -24.74
N SER A 292 -2.70 -3.09 -25.62
CA SER A 292 -4.15 -3.30 -25.51
C SER A 292 -4.52 -4.76 -25.49
N LEU A 293 -3.82 -5.60 -26.25
CA LEU A 293 -4.22 -7.00 -26.29
C LEU A 293 -3.94 -7.69 -24.96
N GLN A 294 -2.80 -7.36 -24.34
CA GLN A 294 -2.43 -7.95 -23.05
C GLN A 294 -3.30 -7.40 -21.92
N GLU A 295 -3.62 -6.11 -21.99
CA GLU A 295 -4.57 -5.53 -21.04
C GLU A 295 -5.93 -6.22 -21.16
N ASN A 296 -6.37 -6.48 -22.41
CA ASN A 296 -7.68 -7.10 -22.61
C ASN A 296 -7.70 -8.49 -22.04
N GLU A 297 -6.60 -9.20 -22.23
CA GLU A 297 -6.42 -10.51 -21.64
C GLU A 297 -6.50 -10.45 -20.12
N PHE A 298 -5.83 -9.48 -19.49
CA PHE A 298 -5.91 -9.34 -18.03
C PHE A 298 -7.34 -9.06 -17.59
N ARG A 299 -8.02 -8.17 -18.29
CA ARG A 299 -9.38 -7.82 -17.89
C ARG A 299 -10.29 -9.03 -17.95
N LEU A 300 -10.17 -9.83 -19.02
CA LEU A 300 -10.96 -11.05 -19.14
C LEU A 300 -10.62 -12.04 -18.03
N TYR A 301 -9.32 -12.24 -17.77
CA TYR A 301 -8.90 -13.14 -16.69
C TYR A 301 -9.55 -12.78 -15.35
N TYR A 302 -9.51 -11.50 -14.98
CA TYR A 302 -10.10 -11.13 -13.69
C TYR A 302 -11.63 -11.18 -13.69
N TYR A 303 -12.25 -10.88 -14.83
CA TYR A 303 -13.69 -11.04 -14.93
C TYR A 303 -14.08 -12.47 -14.61
N ASN A 304 -13.30 -13.43 -15.11
CA ASN A 304 -13.57 -14.84 -14.88
C ASN A 304 -13.39 -15.18 -13.40
N LYS A 305 -12.37 -14.58 -12.74
CA LYS A 305 -12.21 -14.82 -11.29
C LYS A 305 -13.42 -14.31 -10.49
N PHE A 306 -13.94 -13.13 -10.84
CA PHE A 306 -15.12 -12.63 -10.14
C PHE A 306 -16.31 -13.57 -10.35
N LYS A 307 -16.49 -14.10 -11.57
CA LYS A 307 -17.55 -15.10 -11.79
C LYS A 307 -17.35 -16.31 -10.88
N ASP A 308 -16.10 -16.75 -10.70
CA ASP A 308 -15.83 -17.87 -9.78
C ASP A 308 -16.26 -17.53 -8.37
N ILE A 309 -16.02 -16.29 -7.93
CA ILE A 309 -16.48 -15.91 -6.59
C ILE A 309 -18.01 -15.93 -6.52
N ALA A 310 -18.67 -15.41 -7.57
CA ALA A 310 -20.14 -15.45 -7.56
C ALA A 310 -20.66 -16.89 -7.46
N SER A 311 -20.00 -17.80 -8.18
CA SER A 311 -20.46 -19.18 -8.16
C SER A 311 -20.21 -19.82 -6.79
N THR A 312 -19.06 -19.53 -6.17
CA THR A 312 -18.76 -20.00 -4.80
C THR A 312 -19.80 -19.50 -3.78
N LEU A 313 -20.16 -18.21 -3.85
CA LEU A 313 -21.19 -17.67 -2.95
C LEU A 313 -22.52 -18.39 -3.14
N ASN A 314 -22.88 -18.68 -4.40
CA ASN A 314 -24.17 -19.33 -4.65
C ASN A 314 -24.20 -20.75 -4.11
N LYS A 315 -23.05 -21.46 -4.12
CA LYS A 315 -22.99 -22.82 -3.57
C LYS A 315 -22.93 -22.83 -2.04
N ALA A 316 -22.53 -21.72 -1.41
CA ALA A 316 -22.41 -21.66 0.04
C ALA A 316 -23.77 -21.86 0.70
N LYS A 317 -23.86 -22.84 1.60
CA LYS A 317 -25.10 -23.05 2.33
C LYS A 317 -24.96 -22.93 3.84
N SER A 318 -23.76 -22.65 4.35
CA SER A 318 -23.60 -22.21 5.73
C SER A 318 -22.20 -21.65 5.87
N ILE A 319 -21.85 -21.26 7.08
CA ILE A 319 -20.67 -20.46 7.35
C ILE A 319 -20.00 -21.05 8.58
N VAL A 320 -18.69 -20.96 8.63
CA VAL A 320 -17.95 -21.25 9.86
C VAL A 320 -17.82 -19.97 10.68
N GLY A 321 -18.04 -20.06 12.00
CA GLY A 321 -17.79 -18.97 12.91
C GLY A 321 -19.08 -18.36 13.43
N THR A 322 -18.92 -17.54 14.48
CA THR A 322 -19.99 -16.77 15.08
C THR A 322 -19.75 -15.27 14.93
N THR A 323 -18.79 -14.90 14.09
CA THR A 323 -18.52 -13.50 13.79
C THR A 323 -19.66 -12.83 13.01
N ALA A 324 -20.33 -13.60 12.13
CA ALA A 324 -21.34 -13.02 11.25
C ALA A 324 -22.20 -14.16 10.67
N SER A 325 -23.38 -13.80 10.16
CA SER A 325 -24.24 -14.79 9.54
C SER A 325 -23.79 -15.04 8.09
N LEU A 326 -24.23 -16.18 7.54
CA LEU A 326 -24.04 -16.45 6.12
C LEU A 326 -24.65 -15.36 5.26
N GLN A 327 -25.91 -15.01 5.50
CA GLN A 327 -26.52 -13.96 4.70
C GLN A 327 -25.74 -12.66 4.84
N TYR A 328 -25.27 -12.35 6.05
CA TYR A 328 -24.48 -11.13 6.21
C TYR A 328 -23.22 -11.15 5.34
N MET A 329 -22.50 -12.27 5.37
CA MET A 329 -21.22 -12.26 4.66
C MET A 329 -21.45 -12.35 3.15
N LYS A 330 -22.46 -13.11 2.71
CA LYS A 330 -22.78 -13.08 1.28
C LYS A 330 -23.04 -11.66 0.82
N ASN A 331 -23.77 -10.89 1.63
CA ASN A 331 -23.99 -9.49 1.28
C ASN A 331 -22.72 -8.64 1.31
N VAL A 332 -21.78 -8.88 2.27
CA VAL A 332 -20.54 -8.14 2.26
C VAL A 332 -19.83 -8.33 0.92
N PHE A 333 -19.83 -9.56 0.41
CA PHE A 333 -19.09 -9.76 -0.82
C PHE A 333 -19.91 -9.40 -2.05
N LYS A 334 -21.25 -9.43 -1.97
CA LYS A 334 -22.06 -8.78 -3.01
C LYS A 334 -21.68 -7.32 -3.16
N GLU A 335 -21.52 -6.60 -2.03
CA GLU A 335 -21.13 -5.20 -2.13
C GLU A 335 -19.68 -5.02 -2.60
N LYS A 336 -18.73 -5.82 -2.09
CA LYS A 336 -17.33 -5.65 -2.48
C LYS A 336 -17.16 -5.80 -4.00
N TYR A 337 -17.75 -6.84 -4.57
CA TYR A 337 -17.52 -7.13 -5.98
C TYR A 337 -18.59 -6.55 -6.88
N LEU A 338 -19.53 -5.80 -6.32
CA LEU A 338 -20.62 -5.18 -7.07
C LEU A 338 -21.41 -6.23 -7.85
N LEU A 339 -21.73 -7.34 -7.18
CA LEU A 339 -22.48 -8.41 -7.84
C LEU A 339 -23.94 -8.02 -7.97
N SER A 340 -24.59 -8.62 -8.98
CA SER A 340 -26.02 -8.55 -9.17
C SER A 340 -26.70 -9.75 -8.50
N GLU A 341 -27.96 -9.58 -8.14
CA GLU A 341 -28.71 -10.63 -7.49
C GLU A 341 -30.06 -10.75 -8.16
N ASP A 342 -30.44 -11.97 -8.59
CA ASP A 342 -31.71 -12.12 -9.30
C ASP A 342 -32.85 -12.40 -8.32
N THR A 343 -34.06 -12.58 -8.87
CA THR A 343 -35.21 -12.76 -7.99
C THR A 343 -35.12 -14.06 -7.20
N SER A 344 -34.16 -14.94 -7.51
CA SER A 344 -33.98 -16.15 -6.73
C SER A 344 -32.87 -16.04 -5.69
N GLY A 345 -32.25 -14.87 -5.53
CA GLY A 345 -31.15 -14.76 -4.58
C GLY A 345 -29.79 -15.22 -5.11
N LYS A 346 -29.68 -15.57 -6.39
CA LYS A 346 -28.42 -16.04 -6.93
C LYS A 346 -27.60 -14.86 -7.43
N PHE A 347 -26.30 -14.90 -7.18
CA PHE A 347 -25.44 -13.79 -7.55
C PHE A 347 -24.86 -13.99 -8.96
N SER A 348 -24.52 -12.90 -9.63
CA SER A 348 -23.90 -12.99 -10.95
C SER A 348 -23.02 -11.76 -11.14
N VAL A 349 -22.09 -11.86 -12.10
CA VAL A 349 -21.21 -10.76 -12.43
C VAL A 349 -21.76 -10.08 -13.68
N ASP A 350 -22.03 -8.79 -13.57
CA ASP A 350 -22.51 -7.97 -14.69
C ASP A 350 -21.29 -7.32 -15.34
N LYS A 351 -21.11 -7.51 -16.65
CA LYS A 351 -19.88 -7.04 -17.28
C LYS A 351 -19.73 -5.52 -17.14
N LEU A 352 -20.83 -4.78 -17.27
CA LEU A 352 -20.75 -3.32 -17.13
C LEU A 352 -20.23 -2.92 -15.75
N LYS A 353 -20.69 -3.59 -14.69
CA LYS A 353 -20.28 -3.18 -13.34
C LYS A 353 -18.89 -3.67 -13.02
N PHE A 354 -18.54 -4.84 -13.55
CA PHE A 354 -17.16 -5.30 -13.44
C PHE A 354 -16.19 -4.33 -14.10
N ASP A 355 -16.48 -3.91 -15.35
CA ASP A 355 -15.53 -3.00 -16.03
C ASP A 355 -15.39 -1.70 -15.25
N LYS A 356 -16.49 -1.22 -14.65
CA LYS A 356 -16.48 0.04 -13.90
C LYS A 356 -15.59 -0.08 -12.66
N LEU A 357 -15.74 -1.16 -11.90
CA LEU A 357 -14.91 -1.34 -10.70
C LEU A 357 -13.45 -1.58 -11.07
N TYR A 358 -13.22 -2.48 -12.05
CA TYR A 358 -11.87 -2.78 -12.50
C TYR A 358 -11.17 -1.50 -12.94
N LYS A 359 -11.88 -0.66 -13.69
CA LYS A 359 -11.28 0.58 -14.18
C LYS A 359 -11.05 1.57 -13.05
N MET A 360 -12.00 1.70 -12.12
CA MET A 360 -11.72 2.55 -10.95
C MET A 360 -10.39 2.18 -10.28
N LEU A 361 -10.24 0.88 -9.98
CA LEU A 361 -9.09 0.40 -9.19
C LEU A 361 -7.79 0.50 -9.97
N THR A 362 -7.83 0.46 -11.30
CA THR A 362 -6.58 0.37 -12.07
C THR A 362 -6.25 1.60 -12.85
N GLU A 363 -7.25 2.38 -13.29
CA GLU A 363 -7.02 3.60 -14.05
C GLU A 363 -7.29 4.88 -13.29
N ILE A 364 -8.30 4.91 -12.41
CA ILE A 364 -8.57 6.13 -11.65
C ILE A 364 -7.60 6.28 -10.51
N TYR A 365 -7.40 5.21 -9.70
CA TYR A 365 -6.40 5.25 -8.60
C TYR A 365 -5.00 5.01 -9.18
N THR A 366 -4.30 6.11 -9.50
CA THR A 366 -2.93 6.02 -9.97
C THR A 366 -2.10 7.09 -9.30
N GLU A 367 -0.79 6.84 -9.32
CA GLU A 367 0.17 7.81 -8.79
C GLU A 367 0.02 9.12 -9.52
N ASP A 368 0.01 9.08 -10.88
CA ASP A 368 -0.07 10.31 -11.65
C ASP A 368 -1.31 11.14 -11.29
N ASN A 369 -2.47 10.49 -11.08
CA ASN A 369 -3.64 11.22 -10.67
C ASN A 369 -3.51 11.82 -9.26
N PHE A 370 -2.81 11.14 -8.32
CA PHE A 370 -2.65 11.73 -6.97
C PHE A 370 -1.84 13.00 -7.03
N VAL A 371 -0.83 13.01 -7.92
CA VAL A 371 0.02 14.18 -8.11
C VAL A 371 -0.84 15.37 -8.48
N LYS A 372 -1.83 15.15 -9.35
CA LYS A 372 -2.76 16.20 -9.73
C LYS A 372 -3.56 16.73 -8.53
N PHE A 373 -3.98 15.84 -7.64
CA PHE A 373 -4.76 16.27 -6.49
C PHE A 373 -3.90 16.98 -5.44
N PHE A 374 -2.69 16.51 -5.22
CA PHE A 374 -1.84 17.13 -4.19
C PHE A 374 -1.17 18.41 -4.70
N LYS A 375 -1.11 18.62 -6.02
CA LYS A 375 -0.48 19.81 -6.55
C LYS A 375 0.99 19.85 -6.10
N VAL A 376 1.68 18.72 -6.24
CA VAL A 376 3.11 18.66 -5.89
C VAL A 376 3.91 18.39 -7.16
N LEU A 377 5.21 18.64 -7.07
CA LEU A 377 6.09 18.17 -8.13
C LEU A 377 6.41 16.70 -7.85
N ASN A 378 6.58 15.92 -8.92
CA ASN A 378 6.79 14.46 -8.78
C ASN A 378 7.50 13.93 -10.01
N ARG A 379 8.05 12.71 -9.89
CA ARG A 379 8.62 12.09 -11.10
C ARG A 379 7.51 11.98 -12.13
N LYS A 380 7.89 12.12 -13.40
CA LYS A 380 6.94 12.12 -14.50
C LYS A 380 6.71 10.72 -15.04
N THR A 381 7.52 9.78 -14.62
CA THR A 381 7.49 8.39 -15.10
C THR A 381 8.08 7.54 -14.00
N TYR A 382 7.63 6.29 -13.94
CA TYR A 382 8.29 5.29 -13.11
C TYR A 382 9.62 4.87 -13.73
N LEU A 383 9.81 5.11 -15.02
CA LEU A 383 10.98 4.68 -15.77
C LEU A 383 12.11 5.73 -15.65
N ASN A 384 12.47 6.03 -14.41
CA ASN A 384 13.54 7.01 -14.14
C ASN A 384 14.62 6.35 -13.30
N PHE A 385 15.55 7.17 -12.78
CA PHE A 385 16.62 6.71 -11.89
C PHE A 385 16.63 7.54 -10.63
N ASP A 386 16.53 6.89 -9.48
CA ASP A 386 16.42 7.64 -8.23
C ASP A 386 17.77 8.29 -7.91
N LYS A 387 17.74 9.52 -7.42
CA LYS A 387 18.99 10.27 -7.28
C LYS A 387 19.56 10.20 -5.86
N ALA A 388 18.71 10.23 -4.83
CA ALA A 388 19.26 10.32 -3.49
C ALA A 388 18.18 9.87 -2.51
N VAL A 389 18.60 9.62 -1.28
CA VAL A 389 17.65 9.40 -0.20
C VAL A 389 17.91 10.47 0.84
N PHE A 390 16.81 11.09 1.32
CA PHE A 390 16.84 12.14 2.33
C PHE A 390 16.16 11.67 3.61
N LYS A 391 16.70 12.11 4.73
CA LYS A 391 15.96 12.04 6.00
C LYS A 391 15.07 13.26 6.11
N ILE A 392 13.84 13.05 6.60
CA ILE A 392 12.86 14.13 6.74
C ILE A 392 12.17 13.99 8.09
N ASN A 393 11.41 15.03 8.48
CA ASN A 393 10.52 14.90 9.65
C ASN A 393 9.23 15.67 9.39
N ILE A 394 8.19 14.95 8.99
CA ILE A 394 6.96 15.61 8.59
C ILE A 394 6.02 15.87 9.78
N VAL A 395 6.38 15.44 10.98
CA VAL A 395 5.44 15.48 12.11
C VAL A 395 5.17 16.93 12.54
N PRO A 396 6.17 17.80 12.70
CA PRO A 396 5.88 19.20 13.05
C PRO A 396 5.10 19.95 11.98
N LYS A 397 4.05 20.65 12.40
CA LYS A 397 3.29 21.41 11.40
C LYS A 397 4.11 22.54 10.77
N VAL A 398 5.17 23.02 11.44
CA VAL A 398 6.08 23.97 10.79
C VAL A 398 6.85 23.38 9.62
N ASN A 399 6.90 22.05 9.50
CA ASN A 399 7.61 21.39 8.40
C ASN A 399 6.65 20.90 7.32
N TYR A 400 5.43 20.48 7.67
CA TYR A 400 4.65 19.69 6.72
C TYR A 400 3.22 19.62 7.24
N THR A 401 2.23 19.86 6.37
CA THR A 401 0.86 19.86 6.85
C THR A 401 0.03 18.93 5.98
N ILE A 402 -1.09 18.54 6.58
CA ILE A 402 -2.06 17.72 5.88
C ILE A 402 -2.44 18.37 4.56
N TYR A 403 -2.64 19.70 4.57
CA TYR A 403 -3.21 20.32 3.39
C TYR A 403 -2.18 20.70 2.34
N ASP A 404 -0.93 20.98 2.74
CA ASP A 404 0.08 21.54 1.83
C ASP A 404 1.33 20.70 1.65
N GLY A 405 1.47 19.61 2.41
CA GLY A 405 2.73 18.87 2.41
C GLY A 405 3.83 19.84 2.83
N PHE A 406 4.95 19.85 2.08
CA PHE A 406 6.07 20.76 2.38
C PHE A 406 5.83 22.20 1.90
N ASN A 407 4.89 22.41 0.96
CA ASN A 407 4.72 23.69 0.27
C ASN A 407 3.74 24.57 1.04
N LEU A 408 4.18 25.02 2.22
CA LEU A 408 3.29 25.64 3.22
C LEU A 408 2.76 26.97 2.70
N ARG A 409 1.43 27.11 2.74
CA ARG A 409 0.81 28.36 2.31
C ARG A 409 1.27 29.54 3.18
N ASN A 410 1.32 30.72 2.54
CA ASN A 410 1.65 32.00 3.20
C ASN A 410 3.05 32.00 3.82
N THR A 411 3.95 31.22 3.23
CA THR A 411 5.39 31.26 3.52
C THR A 411 6.13 31.37 2.20
N ASN A 412 7.45 31.50 2.27
CA ASN A 412 8.24 31.49 1.05
C ASN A 412 8.21 30.11 0.37
N LEU A 413 7.67 29.09 1.05
CA LEU A 413 7.61 27.76 0.49
C LEU A 413 6.33 27.46 -0.32
N ALA A 414 5.37 28.39 -0.37
CA ALA A 414 4.07 28.09 -0.99
C ALA A 414 4.19 27.97 -2.51
N ALA A 415 5.04 28.79 -3.14
CA ALA A 415 5.10 28.90 -4.59
C ALA A 415 6.17 27.98 -5.18
N ASN A 416 5.95 27.60 -6.44
CA ASN A 416 6.98 26.94 -7.25
C ASN A 416 7.51 25.65 -6.61
N PHE A 417 6.70 25.00 -5.79
CA PHE A 417 7.11 23.79 -5.07
C PHE A 417 8.37 24.04 -4.24
N ASN A 418 8.52 25.28 -3.72
CA ASN A 418 9.75 25.63 -2.99
C ASN A 418 9.94 24.75 -1.75
N GLY A 419 8.83 24.30 -1.12
CA GLY A 419 8.97 23.42 0.04
C GLY A 419 9.56 22.06 -0.31
N GLN A 420 9.37 21.59 -1.54
CA GLN A 420 10.01 20.34 -1.97
C GLN A 420 11.39 20.57 -2.55
N ASN A 421 11.77 21.82 -2.73
CA ASN A 421 13.08 22.16 -3.29
C ASN A 421 14.11 22.04 -2.15
N THR A 422 14.94 21.00 -2.20
CA THR A 422 15.80 20.69 -1.06
C THR A 422 16.90 21.72 -0.88
N GLU A 423 17.09 22.59 -1.85
CA GLU A 423 18.12 23.62 -1.74
C GLU A 423 17.54 24.87 -1.08
N ILE A 424 16.28 25.17 -1.35
CA ILE A 424 15.62 26.31 -0.72
C ILE A 424 15.17 25.94 0.69
N ASN A 425 14.51 24.79 0.82
CA ASN A 425 14.01 24.29 2.09
C ASN A 425 15.02 23.36 2.74
N ASN A 426 16.29 23.78 2.79
CA ASN A 426 17.33 22.81 3.12
C ASN A 426 17.24 22.31 4.57
N MET A 427 16.61 23.04 5.48
CA MET A 427 16.58 22.51 6.84
C MET A 427 15.61 21.35 7.00
N ASN A 428 14.73 21.09 6.00
CA ASN A 428 13.80 19.98 6.07
C ASN A 428 14.32 18.69 5.45
N PHE A 429 15.59 18.66 4.97
CA PHE A 429 16.13 17.51 4.25
C PHE A 429 17.62 17.34 4.59
N THR A 430 17.99 16.12 4.96
CA THR A 430 19.39 15.74 5.13
C THR A 430 19.67 14.62 4.16
N LYS A 431 20.57 14.88 3.19
CA LYS A 431 20.89 13.85 2.21
C LYS A 431 21.74 12.77 2.87
N LEU A 432 21.26 11.54 2.84
CA LEU A 432 21.99 10.42 3.44
C LEU A 432 22.81 9.63 2.44
N LYS A 433 22.38 9.54 1.19
CA LYS A 433 23.10 8.77 0.20
C LYS A 433 22.78 9.34 -1.19
N ASN A 434 23.81 9.38 -2.03
CA ASN A 434 23.70 9.66 -3.46
C ASN A 434 23.68 8.34 -4.19
N PHE A 435 22.72 8.18 -5.08
CA PHE A 435 22.72 7.04 -5.96
C PHE A 435 23.31 7.36 -7.31
N THR A 436 23.34 8.63 -7.71
CA THR A 436 23.82 8.95 -9.06
C THR A 436 25.28 8.60 -9.18
N GLY A 437 25.63 7.88 -10.24
CA GLY A 437 26.96 7.34 -10.44
C GLY A 437 27.00 5.83 -10.29
N LEU A 438 26.23 5.31 -9.36
CA LEU A 438 26.29 3.90 -8.99
C LEU A 438 25.28 3.08 -9.78
#